data_2DT0
#
_entry.id   2DT0
#
_cell.length_a   62.740
_cell.length_b   66.710
_cell.length_c   107.440
_cell.angle_alpha   90.00
_cell.angle_beta   90.00
_cell.angle_gamma   90.00
#
_symmetry.space_group_name_H-M   'P 21 21 21'
#
loop_
_entity.id
_entity.type
_entity.pdbx_description
1 polymer 'Chitinase-3-like protein 1'
2 branched beta-D-mannopyranose-(1-4)-2-acetamido-2-deoxy-alpha-D-glucopyranose-(1-4)-2-acetamido-2-deoxy-beta-D-glucopyranose
3 branched 2-acetamido-2-deoxy-beta-D-glucopyranose-(1-4)-2-acetamido-2-deoxy-beta-D-glucopyranose-(1-4)-2-acetamido-2-deoxy-beta-D-glucopyranose
4 water water
#
_entity_poly.entity_id   1
_entity_poly.type   'polypeptide(L)'
_entity_poly.pdbx_seq_one_letter_code
;YKLICYYTSWSQYREGDGSCFPDAIDPFLCTHVIYSFANISNNEIDTWEWNDVTLYDTLNTLKNRNPKLKTLLSVGGWNF
GPERFSKIASKTQSRRTFIKSVPPFLRTHGFDGLDLAWLYPGRRDKRHLTALVKEMKAEFAREAQAGTERLLLSAAVSAG
KIAIDRGYDIAQISRHLDFISLLTYDFHGAWRQTVGHHSPLFRGNSDASSRFSNADYAVSYMLRLGAPANKLVMGIPTFG
RSFTLASSKTDVGAPISGPGIPGRFTKEKGILAYYEICDFLHGATTHRFRDQQVPYATKGNQWVAYDDQESVKNKARYLK
NRQLAGAMVWALDLDDFRGTFCGQNLTFPLTSAVKDVLARV
;
_entity_poly.pdbx_strand_id   A
#
loop_
_chem_comp.id
_chem_comp.type
_chem_comp.name
_chem_comp.formula
BMA D-saccharide, beta linking beta-D-mannopyranose 'C6 H12 O6'
NAG D-saccharide, beta linking 2-acetamido-2-deoxy-beta-D-glucopyranose 'C8 H15 N O6'
NDG D-saccharide, alpha linking 2-acetamido-2-deoxy-alpha-D-glucopyranose 'C8 H15 N O6'
#
# COMPACT_ATOMS: atom_id res chain seq x y z
N TYR A 1 2.60 16.03 -8.87
CA TYR A 1 2.08 14.69 -8.45
C TYR A 1 2.96 14.03 -7.40
N LYS A 2 2.34 13.25 -6.53
CA LYS A 2 3.04 12.55 -5.47
C LYS A 2 3.23 11.08 -5.81
N LEU A 3 4.41 10.56 -5.50
CA LEU A 3 4.67 9.15 -5.71
C LEU A 3 5.09 8.61 -4.35
N ILE A 4 4.11 8.06 -3.63
CA ILE A 4 4.32 7.49 -2.30
C ILE A 4 4.63 6.00 -2.39
N CYS A 5 5.81 5.62 -1.88
CA CYS A 5 6.25 4.22 -1.95
C CYS A 5 6.61 3.56 -0.61
N TYR A 6 6.01 2.40 -0.36
CA TYR A 6 6.26 1.63 0.85
C TYR A 6 7.47 0.70 0.75
N TYR A 7 8.17 0.55 1.87
CA TYR A 7 9.31 -0.35 1.99
C TYR A 7 9.02 -1.16 3.24
N THR A 8 9.11 -2.49 3.14
CA THR A 8 8.84 -3.33 4.30
C THR A 8 10.11 -3.83 4.99
N SER A 9 10.08 -3.81 6.32
CA SER A 9 11.21 -4.24 7.15
C SER A 9 11.64 -5.67 6.96
N TRP A 10 10.66 -6.56 6.90
CA TRP A 10 10.92 -8.00 6.79
C TRP A 10 11.46 -8.46 5.45
N SER A 11 11.61 -7.55 4.49
CA SER A 11 12.13 -7.95 3.19
C SER A 11 13.64 -8.15 3.25
N GLN A 12 14.24 -7.79 4.37
CA GLN A 12 15.68 -7.95 4.54
C GLN A 12 16.05 -9.42 4.74
N TYR A 13 15.09 -10.23 5.18
CA TYR A 13 15.33 -11.63 5.46
C TYR A 13 15.17 -12.59 4.29
N ARG A 14 14.68 -12.10 3.15
CA ARG A 14 14.51 -12.99 2.01
C ARG A 14 15.87 -13.42 1.49
N GLU A 15 15.99 -14.68 1.13
CA GLU A 15 17.29 -15.19 0.68
C GLU A 15 17.76 -14.71 -0.68
N GLY A 16 19.08 -14.70 -0.83
CA GLY A 16 19.71 -14.28 -2.07
C GLY A 16 19.29 -12.92 -2.57
N ASP A 17 19.01 -12.85 -3.87
CA ASP A 17 18.61 -11.62 -4.54
C ASP A 17 17.34 -11.00 -3.97
N GLY A 18 16.48 -11.83 -3.38
CA GLY A 18 15.25 -11.32 -2.82
C GLY A 18 15.48 -10.36 -1.66
N SER A 19 16.67 -10.45 -1.05
CA SER A 19 17.03 -9.59 0.07
C SER A 19 17.06 -8.13 -0.35
N CYS A 20 16.34 -7.28 0.38
CA CYS A 20 16.27 -5.86 0.06
C CYS A 20 16.46 -4.95 1.28
N PHE A 21 17.41 -4.01 1.16
CA PHE A 21 17.70 -3.04 2.21
C PHE A 21 17.44 -1.65 1.64
N PRO A 22 17.07 -0.66 2.49
CA PRO A 22 16.79 0.73 2.08
C PRO A 22 17.80 1.17 1.05
N ASP A 23 18.97 0.59 1.23
CA ASP A 23 20.16 0.75 0.42
C ASP A 23 19.85 0.71 -1.10
N ALA A 24 19.00 -0.24 -1.51
CA ALA A 24 18.64 -0.43 -2.90
C ALA A 24 17.68 0.62 -3.49
N ILE A 25 17.05 1.41 -2.62
CA ILE A 25 16.09 2.40 -3.10
C ILE A 25 16.72 3.60 -3.81
N ASP A 26 16.24 3.86 -5.01
CA ASP A 26 16.68 4.98 -5.83
C ASP A 26 16.12 6.25 -5.17
N PRO A 27 16.99 7.14 -4.67
CA PRO A 27 16.48 8.35 -4.03
C PRO A 27 15.63 9.30 -4.88
N PHE A 28 15.67 9.15 -6.20
CA PHE A 28 14.89 10.04 -7.06
C PHE A 28 13.62 9.43 -7.65
N LEU A 29 13.39 8.15 -7.37
CA LEU A 29 12.21 7.45 -7.87
C LEU A 29 10.89 7.97 -7.28
N CYS A 30 10.77 7.95 -5.95
CA CYS A 30 9.55 8.38 -5.26
C CYS A 30 9.70 9.75 -4.61
N THR A 31 8.58 10.36 -4.24
CA THR A 31 8.62 11.67 -3.56
C THR A 31 8.57 11.42 -2.06
N HIS A 32 7.95 10.31 -1.68
CA HIS A 32 7.80 9.90 -0.28
C HIS A 32 8.02 8.41 -0.18
N VAL A 33 8.79 8.00 0.82
CA VAL A 33 9.03 6.58 1.05
C VAL A 33 8.58 6.33 2.47
N ILE A 34 7.74 5.33 2.65
CA ILE A 34 7.21 5.00 3.96
C ILE A 34 7.79 3.67 4.45
N TYR A 35 8.31 3.67 5.68
CA TYR A 35 8.91 2.48 6.29
C TYR A 35 7.82 1.72 7.06
N SER A 36 7.66 0.43 6.78
CA SER A 36 6.64 -0.38 7.47
C SER A 36 7.27 -1.53 8.24
N PHE A 37 6.89 -1.76 9.49
CA PHE A 37 5.89 -1.01 10.26
C PHE A 37 6.50 -0.76 11.65
N ALA A 38 5.95 0.20 12.39
CA ALA A 38 6.40 0.47 13.74
C ALA A 38 5.41 -0.25 14.66
N ASN A 39 5.81 -0.54 15.91
CA ASN A 39 4.97 -1.21 16.92
C ASN A 39 4.53 -0.18 17.96
N ILE A 40 3.77 -0.67 18.94
CA ILE A 40 3.31 0.15 20.05
C ILE A 40 3.50 -0.72 21.30
N SER A 41 4.28 -0.22 22.25
CA SER A 41 4.55 -0.94 23.49
C SER A 41 4.43 0.06 24.65
N ASN A 42 3.62 -0.30 25.64
CA ASN A 42 3.40 0.59 26.78
C ASN A 42 2.77 1.88 26.28
N ASN A 43 1.95 1.74 25.25
CA ASN A 43 1.24 2.86 24.62
C ASN A 43 2.11 3.92 23.94
N GLU A 44 3.31 3.53 23.53
CA GLU A 44 4.19 4.46 22.85
C GLU A 44 4.64 3.83 21.54
N ILE A 45 4.97 4.67 20.57
CA ILE A 45 5.43 4.14 19.31
C ILE A 45 6.78 3.49 19.65
N ASP A 46 7.13 2.43 18.93
CA ASP A 46 8.38 1.75 19.23
C ASP A 46 8.85 0.99 18.01
N THR A 47 10.09 0.52 18.04
CA THR A 47 10.65 -0.22 16.93
C THR A 47 10.04 -1.62 16.86
N TRP A 48 10.24 -2.29 15.73
CA TRP A 48 9.70 -3.63 15.53
C TRP A 48 10.82 -4.67 15.37
N GLU A 49 11.66 -4.47 14.36
CA GLU A 49 12.78 -5.37 14.09
C GLU A 49 13.95 -4.96 14.97
N TRP A 50 14.80 -5.93 15.30
CA TRP A 50 15.96 -5.68 16.14
C TRP A 50 16.91 -4.63 15.57
N ASN A 51 17.01 -4.54 14.25
CA ASN A 51 17.91 -3.57 13.65
C ASN A 51 17.21 -2.36 13.02
N ASP A 52 15.96 -2.10 13.42
CA ASP A 52 15.25 -0.95 12.87
C ASP A 52 16.03 0.36 12.96
N VAL A 53 16.62 0.67 14.11
CA VAL A 53 17.34 1.94 14.18
C VAL A 53 18.49 2.03 13.18
N THR A 54 19.07 0.90 12.80
CA THR A 54 20.14 0.93 11.80
C THR A 54 19.50 1.18 10.44
N LEU A 55 18.40 0.47 10.15
CA LEU A 55 17.70 0.65 8.88
C LEU A 55 17.05 2.04 8.74
N TYR A 56 16.57 2.61 9.85
CA TYR A 56 15.98 3.94 9.81
C TYR A 56 17.04 4.88 9.28
N ASP A 57 18.21 4.73 9.87
CA ASP A 57 19.38 5.54 9.56
C ASP A 57 19.75 5.40 8.08
N THR A 58 19.76 4.17 7.57
CA THR A 58 20.10 3.92 6.17
C THR A 58 19.13 4.55 5.18
N LEU A 59 17.83 4.41 5.49
CA LEU A 59 16.77 4.97 4.65
C LEU A 59 16.86 6.50 4.62
N ASN A 60 17.03 7.10 5.78
CA ASN A 60 17.09 8.55 5.86
C ASN A 60 18.38 9.17 5.33
N THR A 61 19.39 8.37 5.04
CA THR A 61 20.62 8.96 4.49
C THR A 61 20.39 9.22 3.00
N LEU A 62 19.35 8.62 2.45
CA LEU A 62 19.02 8.81 1.04
C LEU A 62 18.66 10.27 0.79
N LYS A 63 18.28 10.96 1.87
CA LYS A 63 17.92 12.37 1.76
C LYS A 63 19.16 13.25 1.61
N ASN A 64 20.33 12.63 1.70
CA ASN A 64 21.58 13.36 1.50
C ASN A 64 21.82 13.45 0.02
N ARG A 65 21.20 12.53 -0.72
CA ARG A 65 21.32 12.50 -2.17
C ARG A 65 20.18 13.30 -2.80
N ASN A 66 18.96 13.11 -2.31
CA ASN A 66 17.80 13.84 -2.82
C ASN A 66 17.22 14.64 -1.67
N PRO A 67 17.62 15.91 -1.55
CA PRO A 67 17.16 16.80 -0.48
C PRO A 67 15.65 17.00 -0.42
N LYS A 68 14.94 16.68 -1.51
CA LYS A 68 13.50 16.88 -1.52
C LYS A 68 12.69 15.64 -1.10
N LEU A 69 13.38 14.55 -0.81
CA LEU A 69 12.75 13.31 -0.41
C LEU A 69 12.17 13.39 1.03
N LYS A 70 10.92 12.97 1.19
CA LYS A 70 10.27 12.94 2.51
C LYS A 70 10.11 11.49 2.94
N THR A 71 10.35 11.19 4.21
CA THR A 71 10.18 9.82 4.68
C THR A 71 9.16 9.79 5.81
N LEU A 72 8.43 8.69 5.92
CA LEU A 72 7.44 8.56 6.97
C LEU A 72 7.57 7.18 7.58
N LEU A 73 7.09 7.05 8.82
CA LEU A 73 7.11 5.79 9.53
C LEU A 73 5.66 5.37 9.70
N SER A 74 5.33 4.15 9.29
CA SER A 74 3.97 3.66 9.38
C SER A 74 3.75 2.80 10.62
N VAL A 75 2.65 3.01 11.32
CA VAL A 75 2.32 2.21 12.52
C VAL A 75 1.14 1.31 12.19
N GLY A 76 1.23 0.05 12.62
CA GLY A 76 0.14 -0.86 12.36
C GLY A 76 0.54 -1.98 11.44
N GLY A 77 -0.24 -2.16 10.38
CA GLY A 77 0.03 -3.22 9.43
C GLY A 77 -0.81 -4.43 9.78
N TRP A 78 -0.74 -5.47 8.95
CA TRP A 78 -1.55 -6.68 9.17
C TRP A 78 -1.16 -7.55 10.35
N ASN A 79 0.14 -7.63 10.65
CA ASN A 79 0.56 -8.44 11.77
C ASN A 79 0.47 -7.68 13.08
N PHE A 80 -0.37 -6.67 13.08
CA PHE A 80 -0.63 -5.84 14.24
C PHE A 80 -2.14 -5.94 14.47
N GLY A 81 -2.53 -6.55 15.58
CA GLY A 81 -3.95 -6.71 15.84
C GLY A 81 -4.80 -5.45 15.81
N PRO A 82 -5.86 -5.43 14.98
CA PRO A 82 -6.71 -4.22 14.94
C PRO A 82 -7.29 -3.89 16.32
N GLU A 83 -7.51 -4.93 17.13
CA GLU A 83 -8.05 -4.73 18.47
C GLU A 83 -7.08 -3.89 19.29
N ARG A 84 -5.78 -4.15 19.10
CA ARG A 84 -4.76 -3.40 19.81
C ARG A 84 -4.90 -1.91 19.50
N PHE A 85 -5.21 -1.59 18.25
CA PHE A 85 -5.39 -0.19 17.89
C PHE A 85 -6.64 0.29 18.58
N SER A 86 -7.69 -0.52 18.43
CA SER A 86 -8.99 -0.22 19.02
C SER A 86 -8.88 0.11 20.49
N LYS A 87 -8.04 -0.62 21.20
CA LYS A 87 -7.85 -0.44 22.63
C LYS A 87 -7.10 0.86 22.99
N ILE A 88 -6.13 1.25 22.15
CA ILE A 88 -5.37 2.47 22.41
C ILE A 88 -6.20 3.71 22.14
N ALA A 89 -6.96 3.69 21.06
CA ALA A 89 -7.78 4.83 20.66
C ALA A 89 -9.03 5.11 21.48
N SER A 90 -9.61 4.07 22.08
CA SER A 90 -10.85 4.20 22.87
C SER A 90 -10.73 4.91 24.21
N LYS A 91 -9.62 4.68 24.91
CA LYS A 91 -9.38 5.29 26.22
C LYS A 91 -8.56 6.55 26.01
N THR A 92 -9.23 7.70 26.10
CA THR A 92 -8.56 8.98 25.89
C THR A 92 -7.23 9.17 26.61
N GLN A 93 -6.95 8.34 27.60
CA GLN A 93 -5.70 8.47 28.33
C GLN A 93 -4.53 7.76 27.66
N SER A 94 -4.79 6.58 27.08
CA SER A 94 -3.73 5.85 26.40
C SER A 94 -3.50 6.48 25.03
N ARG A 95 -4.54 7.15 24.54
CA ARG A 95 -4.48 7.83 23.25
C ARG A 95 -3.53 9.02 23.36
N ARG A 96 -3.67 9.79 24.43
CA ARG A 96 -2.82 10.96 24.65
C ARG A 96 -1.38 10.52 24.86
N THR A 97 -1.21 9.43 25.59
CA THR A 97 0.12 8.89 25.87
C THR A 97 0.82 8.51 24.56
N PHE A 98 0.09 7.86 23.66
CA PHE A 98 0.63 7.44 22.38
C PHE A 98 0.96 8.64 21.49
N ILE A 99 0.00 9.56 21.37
CA ILE A 99 0.18 10.75 20.57
C ILE A 99 1.44 11.51 20.97
N LYS A 100 1.56 11.78 22.27
CA LYS A 100 2.69 12.51 22.82
C LYS A 100 4.05 11.88 22.52
N SER A 101 4.07 10.56 22.45
CA SER A 101 5.31 9.82 22.21
C SER A 101 5.79 9.83 20.79
N VAL A 102 4.96 10.28 19.86
CA VAL A 102 5.35 10.25 18.45
C VAL A 102 6.34 11.29 17.90
N PRO A 103 6.08 12.59 18.10
CA PRO A 103 7.05 13.57 17.58
C PRO A 103 8.53 13.38 17.92
N PRO A 104 8.85 13.10 19.19
CA PRO A 104 10.26 12.91 19.57
C PRO A 104 10.89 11.71 18.88
N PHE A 105 10.10 10.64 18.75
CA PHE A 105 10.58 9.42 18.12
C PHE A 105 10.92 9.69 16.66
N LEU A 106 10.00 10.37 15.99
CA LEU A 106 10.17 10.74 14.59
C LEU A 106 11.37 11.66 14.44
N ARG A 107 11.51 12.62 15.34
CA ARG A 107 12.62 13.55 15.26
C ARG A 107 13.98 12.88 15.54
N THR A 108 14.01 11.91 16.46
CA THR A 108 15.26 11.22 16.78
C THR A 108 15.79 10.41 15.59
N HIS A 109 14.89 9.74 14.88
CA HIS A 109 15.31 8.91 13.77
C HIS A 109 15.29 9.58 12.40
N GLY A 110 14.83 10.82 12.36
CA GLY A 110 14.82 11.56 11.11
C GLY A 110 13.67 11.43 10.15
N PHE A 111 12.50 11.00 10.61
CA PHE A 111 11.34 10.88 9.72
C PHE A 111 10.65 12.22 9.59
N ASP A 112 9.91 12.41 8.50
CA ASP A 112 9.21 13.65 8.25
C ASP A 112 7.72 13.55 8.57
N GLY A 113 7.28 12.37 8.99
CA GLY A 113 5.88 12.21 9.30
C GLY A 113 5.49 10.82 9.77
N LEU A 114 4.20 10.67 10.05
CA LEU A 114 3.66 9.41 10.51
C LEU A 114 2.54 8.92 9.61
N ASP A 115 2.55 7.64 9.31
CA ASP A 115 1.50 7.04 8.49
C ASP A 115 0.71 6.08 9.36
N LEU A 116 -0.61 6.20 9.35
CA LEU A 116 -1.47 5.34 10.15
C LEU A 116 -1.98 4.17 9.34
N ALA A 117 -1.68 2.96 9.79
CA ALA A 117 -2.14 1.77 9.08
C ALA A 117 -2.96 0.84 9.98
N TRP A 118 -4.12 1.33 10.41
CA TRP A 118 -5.04 0.57 11.26
C TRP A 118 -5.87 -0.25 10.30
N LEU A 119 -5.65 -1.55 10.26
CA LEU A 119 -6.39 -2.40 9.32
C LEU A 119 -7.22 -3.48 10.00
N TYR A 120 -8.52 -3.27 10.21
CA TYR A 120 -9.26 -2.07 9.83
C TYR A 120 -10.18 -1.66 10.97
N PRO A 121 -10.58 -0.39 11.00
CA PRO A 121 -11.47 0.09 12.06
C PRO A 121 -12.82 -0.56 11.87
N GLY A 122 -13.51 -0.87 12.97
CA GLY A 122 -14.83 -1.46 12.87
C GLY A 122 -15.89 -0.43 13.20
N ARG A 123 -17.15 -0.84 13.24
CA ARG A 123 -18.25 0.07 13.53
C ARG A 123 -18.08 0.84 14.84
N ARG A 124 -17.59 0.16 15.88
CA ARG A 124 -17.39 0.79 17.18
C ARG A 124 -16.14 1.65 17.26
N ASP A 125 -15.29 1.57 16.24
CA ASP A 125 -14.04 2.33 16.20
C ASP A 125 -14.13 3.67 15.50
N LYS A 126 -15.07 3.80 14.56
CA LYS A 126 -15.22 5.02 13.79
C LYS A 126 -14.97 6.31 14.56
N ARG A 127 -15.75 6.59 15.59
CA ARG A 127 -15.59 7.82 16.36
C ARG A 127 -14.20 8.03 16.96
N HIS A 128 -13.59 6.96 17.46
CA HIS A 128 -12.27 7.04 18.07
C HIS A 128 -11.19 7.27 17.03
N LEU A 129 -11.43 6.72 15.83
CA LEU A 129 -10.49 6.89 14.72
C LEU A 129 -10.39 8.39 14.47
N THR A 130 -11.55 9.02 14.33
CA THR A 130 -11.62 10.45 14.08
C THR A 130 -10.88 11.24 15.15
N ALA A 131 -11.09 10.87 16.41
CA ALA A 131 -10.43 11.55 17.52
C ALA A 131 -8.92 11.39 17.50
N LEU A 132 -8.47 10.19 17.12
CA LEU A 132 -7.03 9.90 17.05
C LEU A 132 -6.35 10.77 16.01
N VAL A 133 -7.02 10.91 14.87
CA VAL A 133 -6.51 11.71 13.77
C VAL A 133 -6.53 13.20 14.13
N LYS A 134 -7.67 13.65 14.66
CA LYS A 134 -7.84 15.04 15.04
C LYS A 134 -6.73 15.46 16.03
N GLU A 135 -6.60 14.71 17.11
CA GLU A 135 -5.64 15.00 18.17
C GLU A 135 -4.18 14.83 17.79
N MET A 136 -3.90 13.86 16.92
CA MET A 136 -2.52 13.63 16.51
C MET A 136 -2.03 14.79 15.66
N LYS A 137 -2.91 15.32 14.82
CA LYS A 137 -2.56 16.45 13.96
C LYS A 137 -2.43 17.72 14.79
N ALA A 138 -3.27 17.87 15.81
CA ALA A 138 -3.23 19.03 16.67
C ALA A 138 -1.87 19.04 17.38
N GLU A 139 -1.39 17.86 17.73
CA GLU A 139 -0.09 17.71 18.40
C GLU A 139 1.05 18.05 17.43
N PHE A 140 0.84 17.75 16.15
CA PHE A 140 1.86 18.06 15.14
C PHE A 140 1.94 19.58 14.90
N ALA A 141 0.79 20.26 14.87
CA ALA A 141 0.78 21.70 14.66
C ALA A 141 1.48 22.39 15.82
N ARG A 142 1.20 21.91 17.03
CA ARG A 142 1.79 22.48 18.24
C ARG A 142 3.30 22.25 18.31
N GLU A 143 3.74 21.10 17.83
CA GLU A 143 5.16 20.76 17.87
C GLU A 143 5.99 21.57 16.88
N ALA A 144 5.36 22.05 15.81
CA ALA A 144 6.07 22.84 14.80
C ALA A 144 6.45 24.23 15.33
N GLN A 145 5.84 24.64 16.43
CA GLN A 145 6.13 25.95 17.01
C GLN A 145 7.58 26.01 17.48
N ALA A 146 8.20 24.84 17.58
CA ALA A 146 9.59 24.75 18.01
C ALA A 146 10.52 25.29 16.95
N GLY A 147 9.97 25.61 15.79
CA GLY A 147 10.78 26.15 14.71
C GLY A 147 11.22 25.15 13.66
N THR A 148 10.62 23.97 13.68
CA THR A 148 10.97 22.94 12.72
C THR A 148 9.75 22.64 11.84
N GLU A 149 9.99 22.12 10.65
CA GLU A 149 8.92 21.81 9.70
C GLU A 149 7.88 20.83 10.25
N ARG A 150 6.60 21.20 10.14
CA ARG A 150 5.51 20.34 10.62
C ARG A 150 5.64 18.93 10.10
N LEU A 151 5.40 17.96 10.97
CA LEU A 151 5.46 16.56 10.57
C LEU A 151 4.18 16.28 9.81
N LEU A 152 4.25 15.35 8.86
CA LEU A 152 3.11 14.98 8.03
C LEU A 152 2.34 13.85 8.69
N LEU A 153 1.03 13.81 8.43
CA LEU A 153 0.16 12.77 8.96
C LEU A 153 -0.63 12.21 7.77
N SER A 154 -0.57 10.91 7.59
CA SER A 154 -1.28 10.26 6.49
C SER A 154 -1.92 8.99 6.99
N ALA A 155 -2.75 8.37 6.16
CA ALA A 155 -3.42 7.15 6.57
C ALA A 155 -3.67 6.24 5.40
N ALA A 156 -3.55 4.93 5.62
CA ALA A 156 -3.82 3.94 4.59
C ALA A 156 -5.27 3.55 4.85
N VAL A 157 -6.12 3.71 3.84
CA VAL A 157 -7.55 3.40 3.97
C VAL A 157 -8.09 2.29 3.06
N SER A 158 -9.02 1.51 3.59
CA SER A 158 -9.64 0.43 2.83
C SER A 158 -10.38 0.98 1.62
N ALA A 159 -10.39 0.22 0.53
CA ALA A 159 -11.08 0.63 -0.69
C ALA A 159 -12.39 -0.14 -0.87
N GLY A 160 -12.84 -0.83 0.19
CA GLY A 160 -14.08 -1.59 0.11
C GLY A 160 -15.23 -0.75 0.64
N LYS A 161 -16.30 -0.65 -0.16
CA LYS A 161 -17.47 0.15 0.22
C LYS A 161 -17.97 -0.16 1.63
N ILE A 162 -18.18 -1.45 1.91
CA ILE A 162 -18.66 -1.88 3.22
C ILE A 162 -17.72 -1.49 4.34
N ALA A 163 -16.42 -1.71 4.14
CA ALA A 163 -15.41 -1.36 5.14
C ALA A 163 -15.40 0.15 5.40
N ILE A 164 -15.56 0.93 4.33
CA ILE A 164 -15.56 2.39 4.42
C ILE A 164 -16.78 2.96 5.14
N ASP A 165 -17.96 2.42 4.84
CA ASP A 165 -19.18 2.90 5.48
C ASP A 165 -19.17 2.48 6.93
N ARG A 166 -18.60 1.31 7.17
CA ARG A 166 -18.54 0.72 8.50
C ARG A 166 -17.63 1.46 9.49
N GLY A 167 -16.37 1.71 9.13
CA GLY A 167 -15.49 2.35 10.09
C GLY A 167 -14.79 3.66 9.84
N TYR A 168 -15.20 4.44 8.87
CA TYR A 168 -14.51 5.70 8.61
C TYR A 168 -15.41 6.92 8.41
N ASP A 169 -15.09 8.01 9.08
CA ASP A 169 -15.82 9.25 8.88
C ASP A 169 -14.90 10.05 7.94
N ILE A 170 -14.93 9.67 6.66
CA ILE A 170 -14.11 10.28 5.63
C ILE A 170 -14.12 11.81 5.54
N ALA A 171 -15.30 12.41 5.59
CA ALA A 171 -15.40 13.87 5.52
C ALA A 171 -14.63 14.51 6.67
N GLN A 172 -14.58 13.83 7.81
CA GLN A 172 -13.88 14.33 8.98
C GLN A 172 -12.35 14.16 8.91
N ILE A 173 -11.88 12.95 8.71
CA ILE A 173 -10.44 12.72 8.70
C ILE A 173 -9.69 13.33 7.51
N SER A 174 -10.41 13.64 6.44
CA SER A 174 -9.78 14.24 5.27
C SER A 174 -9.29 15.64 5.57
N ARG A 175 -9.92 16.31 6.51
CA ARG A 175 -9.49 17.67 6.82
C ARG A 175 -8.23 17.75 7.65
N HIS A 176 -7.91 16.69 8.38
CA HIS A 176 -6.72 16.67 9.24
C HIS A 176 -5.55 15.90 8.68
N LEU A 177 -5.80 15.00 7.73
CA LEU A 177 -4.77 14.18 7.11
C LEU A 177 -4.11 14.88 5.94
N ASP A 178 -2.79 14.75 5.81
CA ASP A 178 -2.09 15.39 4.70
C ASP A 178 -2.39 14.66 3.38
N PHE A 179 -2.53 13.34 3.45
CA PHE A 179 -2.92 12.56 2.29
C PHE A 179 -3.50 11.23 2.72
N ILE A 180 -4.36 10.67 1.88
CA ILE A 180 -5.03 9.42 2.15
C ILE A 180 -4.67 8.43 1.06
N SER A 181 -4.15 7.27 1.44
CA SER A 181 -3.80 6.24 0.48
C SER A 181 -4.93 5.23 0.39
N LEU A 182 -5.47 5.05 -0.81
CA LEU A 182 -6.55 4.10 -1.03
C LEU A 182 -5.99 2.71 -1.34
N LEU A 183 -6.29 1.72 -0.50
CA LEU A 183 -5.81 0.36 -0.72
C LEU A 183 -6.62 -0.32 -1.82
N THR A 184 -6.52 0.22 -3.03
CA THR A 184 -7.26 -0.27 -4.18
C THR A 184 -6.68 -1.54 -4.84
N TYR A 185 -6.25 -2.50 -4.04
CA TYR A 185 -5.71 -3.73 -4.58
C TYR A 185 -6.10 -4.95 -3.77
N ASP A 186 -7.16 -4.83 -3.00
CA ASP A 186 -7.64 -5.93 -2.18
C ASP A 186 -9.12 -6.12 -2.52
N PHE A 187 -9.40 -6.48 -3.77
CA PHE A 187 -10.76 -6.64 -4.22
C PHE A 187 -11.32 -8.04 -4.45
N HIS A 188 -10.52 -9.08 -4.22
CA HIS A 188 -11.05 -10.42 -4.33
C HIS A 188 -10.84 -11.06 -2.97
N GLY A 189 -11.93 -11.15 -2.21
CA GLY A 189 -11.87 -11.69 -0.87
C GLY A 189 -11.37 -13.11 -0.78
N ALA A 190 -10.34 -13.31 0.05
CA ALA A 190 -9.77 -14.64 0.25
C ALA A 190 -10.89 -15.56 0.71
N TRP A 191 -12.07 -14.98 0.95
CA TRP A 191 -13.22 -15.76 1.41
C TRP A 191 -13.83 -16.67 0.37
N ARG A 192 -13.84 -16.28 -0.90
CA ARG A 192 -14.45 -17.16 -1.89
C ARG A 192 -13.54 -18.03 -2.73
N GLN A 193 -14.12 -19.09 -3.27
CA GLN A 193 -13.40 -20.07 -4.05
C GLN A 193 -13.54 -20.03 -5.56
N THR A 194 -13.47 -18.84 -6.15
CA THR A 194 -13.48 -18.71 -7.59
C THR A 194 -12.27 -17.88 -7.92
N VAL A 195 -11.93 -17.82 -9.20
CA VAL A 195 -10.80 -17.06 -9.68
C VAL A 195 -11.21 -15.60 -9.92
N GLY A 196 -10.35 -14.65 -9.55
CA GLY A 196 -10.67 -13.25 -9.75
C GLY A 196 -9.48 -12.33 -9.62
N HIS A 197 -9.57 -11.13 -10.19
CA HIS A 197 -8.47 -10.17 -10.11
C HIS A 197 -8.67 -9.27 -8.90
N HIS A 198 -7.62 -9.16 -8.10
CA HIS A 198 -7.63 -8.35 -6.88
C HIS A 198 -7.52 -6.85 -7.08
N SER A 199 -7.14 -6.40 -8.26
CA SER A 199 -6.99 -4.94 -8.49
C SER A 199 -7.53 -4.43 -9.82
N PRO A 200 -8.77 -4.79 -10.18
CA PRO A 200 -9.28 -4.30 -11.46
C PRO A 200 -9.51 -2.80 -11.41
N LEU A 201 -9.30 -2.14 -12.54
CA LEU A 201 -9.49 -0.70 -12.61
C LEU A 201 -10.98 -0.41 -12.78
N PHE A 202 -11.61 -1.12 -13.72
CA PHE A 202 -13.02 -0.92 -13.98
C PHE A 202 -13.87 -2.11 -13.60
N ARG A 203 -15.17 -1.87 -13.58
CA ARG A 203 -16.20 -2.83 -13.21
C ARG A 203 -16.27 -4.14 -13.96
N GLY A 204 -15.96 -4.14 -15.26
CA GLY A 204 -16.05 -5.37 -16.02
C GLY A 204 -17.49 -5.63 -16.43
N ASN A 205 -17.82 -5.18 -17.64
CA ASN A 205 -19.17 -5.32 -18.20
C ASN A 205 -19.82 -6.69 -18.12
N SER A 206 -19.08 -7.71 -17.67
CA SER A 206 -19.66 -9.03 -17.56
C SER A 206 -19.82 -9.55 -16.13
N ASP A 207 -20.68 -8.88 -15.36
CA ASP A 207 -20.96 -9.30 -13.98
C ASP A 207 -21.81 -8.27 -13.22
N ALA A 208 -23.02 -8.66 -12.85
CA ALA A 208 -23.94 -7.79 -12.16
C ALA A 208 -23.67 -7.46 -10.67
N SER A 209 -22.88 -8.26 -9.96
CA SER A 209 -22.65 -8.03 -8.54
C SER A 209 -21.24 -7.62 -8.11
N SER A 210 -21.13 -7.16 -6.86
CA SER A 210 -19.87 -6.69 -6.30
C SER A 210 -19.30 -5.63 -7.22
N ARG A 211 -20.22 -4.85 -7.81
CA ARG A 211 -19.89 -3.75 -8.72
C ARG A 211 -19.08 -2.73 -7.93
N PHE A 212 -18.88 -2.99 -6.65
CA PHE A 212 -18.13 -2.08 -5.82
C PHE A 212 -16.63 -2.39 -5.75
N SER A 213 -16.26 -3.58 -6.22
CA SER A 213 -14.88 -4.04 -6.15
C SER A 213 -13.93 -3.73 -7.31
N ASN A 214 -13.68 -2.45 -7.52
CA ASN A 214 -12.77 -1.99 -8.57
C ASN A 214 -12.31 -0.59 -8.20
N ALA A 215 -11.12 -0.22 -8.64
CA ALA A 215 -10.56 1.10 -8.33
C ALA A 215 -11.51 2.25 -8.68
N ASP A 216 -12.06 2.23 -9.89
CA ASP A 216 -12.95 3.29 -10.32
C ASP A 216 -14.09 3.58 -9.34
N TYR A 217 -14.75 2.53 -8.85
CA TYR A 217 -15.85 2.76 -7.91
C TYR A 217 -15.32 3.37 -6.61
N ALA A 218 -14.28 2.75 -6.05
CA ALA A 218 -13.68 3.22 -4.80
C ALA A 218 -13.36 4.72 -4.85
N VAL A 219 -12.77 5.18 -5.94
CA VAL A 219 -12.42 6.59 -6.04
C VAL A 219 -13.63 7.51 -6.12
N SER A 220 -14.60 7.13 -6.96
CA SER A 220 -15.82 7.93 -7.13
C SER A 220 -16.54 8.06 -5.80
N TYR A 221 -16.54 6.97 -5.04
CA TYR A 221 -17.21 6.94 -3.73
C TYR A 221 -16.52 7.88 -2.74
N MET A 222 -15.20 7.76 -2.61
CA MET A 222 -14.43 8.60 -1.72
C MET A 222 -14.67 10.07 -2.06
N LEU A 223 -14.63 10.39 -3.35
CA LEU A 223 -14.85 11.76 -3.76
C LEU A 223 -16.25 12.20 -3.36
N ARG A 224 -17.19 11.25 -3.31
CA ARG A 224 -18.55 11.57 -2.94
C ARG A 224 -18.68 11.77 -1.43
N LEU A 225 -18.06 10.89 -0.65
CA LEU A 225 -18.14 11.01 0.80
C LEU A 225 -17.50 12.30 1.32
N GLY A 226 -16.80 13.03 0.45
CA GLY A 226 -16.20 14.28 0.87
C GLY A 226 -14.68 14.40 0.87
N ALA A 227 -13.99 13.35 0.45
CA ALA A 227 -12.53 13.41 0.42
C ALA A 227 -12.09 14.27 -0.75
N PRO A 228 -11.28 15.31 -0.49
CA PRO A 228 -10.82 16.16 -1.59
C PRO A 228 -9.90 15.37 -2.51
N ALA A 229 -10.03 15.58 -3.80
CA ALA A 229 -9.21 14.87 -4.75
C ALA A 229 -7.72 15.17 -4.57
N ASN A 230 -7.37 16.39 -4.13
CA ASN A 230 -5.96 16.71 -3.96
C ASN A 230 -5.31 16.08 -2.74
N LYS A 231 -6.07 15.28 -2.00
CA LYS A 231 -5.54 14.56 -0.83
C LYS A 231 -5.57 13.04 -1.10
N LEU A 232 -6.34 12.62 -2.08
CA LEU A 232 -6.48 11.20 -2.44
C LEU A 232 -5.32 10.61 -3.23
N VAL A 233 -4.77 9.51 -2.74
CA VAL A 233 -3.68 8.83 -3.43
C VAL A 233 -4.12 7.39 -3.73
N MET A 234 -4.10 7.03 -5.02
CA MET A 234 -4.53 5.69 -5.43
C MET A 234 -3.44 4.62 -5.36
N GLY A 235 -3.73 3.53 -4.66
CA GLY A 235 -2.77 2.45 -4.50
C GLY A 235 -2.59 1.54 -5.70
N ILE A 236 -1.34 1.25 -6.03
CA ILE A 236 -1.00 0.40 -7.16
C ILE A 236 -0.11 -0.74 -6.65
N PRO A 237 -0.56 -1.99 -6.81
CA PRO A 237 0.20 -3.16 -6.35
C PRO A 237 1.38 -3.50 -7.23
N THR A 238 2.41 -4.04 -6.59
CA THR A 238 3.63 -4.43 -7.24
C THR A 238 3.80 -5.93 -7.07
N PHE A 239 2.75 -6.55 -6.57
CA PHE A 239 2.73 -7.99 -6.33
C PHE A 239 1.51 -8.58 -7.03
N GLY A 240 1.43 -9.91 -7.02
CA GLY A 240 0.30 -10.58 -7.63
C GLY A 240 -0.28 -11.56 -6.64
N ARG A 241 -1.49 -12.03 -6.90
CA ARG A 241 -2.10 -13.00 -6.02
C ARG A 241 -2.30 -14.28 -6.81
N SER A 242 -1.83 -15.39 -6.25
CA SER A 242 -1.92 -16.68 -6.91
C SER A 242 -3.01 -17.61 -6.38
N PHE A 243 -3.45 -18.52 -7.24
CA PHE A 243 -4.47 -19.51 -6.90
C PHE A 243 -4.14 -20.85 -7.51
N THR A 244 -4.40 -21.92 -6.76
CA THR A 244 -4.20 -23.27 -7.27
C THR A 244 -5.58 -23.62 -7.83
N LEU A 245 -5.64 -24.02 -9.10
CA LEU A 245 -6.90 -24.36 -9.73
C LEU A 245 -7.48 -25.71 -9.30
N ALA A 246 -8.80 -25.80 -9.27
CA ALA A 246 -9.46 -27.05 -8.89
C ALA A 246 -9.88 -27.85 -10.11
N SER A 247 -9.80 -27.24 -11.29
CA SER A 247 -10.15 -27.91 -12.55
C SER A 247 -9.30 -27.33 -13.66
N SER A 248 -9.51 -27.80 -14.88
CA SER A 248 -8.75 -27.30 -16.01
C SER A 248 -9.34 -26.01 -16.58
N LYS A 249 -10.42 -25.53 -15.97
CA LYS A 249 -11.03 -24.28 -16.42
C LYS A 249 -10.12 -23.16 -15.98
N THR A 250 -9.80 -22.26 -16.90
CA THR A 250 -8.90 -21.17 -16.60
C THR A 250 -9.48 -19.75 -16.70
N ASP A 251 -10.69 -19.61 -17.26
CA ASP A 251 -11.33 -18.29 -17.40
C ASP A 251 -12.15 -17.84 -16.17
N VAL A 252 -12.92 -16.75 -16.30
CA VAL A 252 -13.72 -16.25 -15.17
C VAL A 252 -14.58 -17.31 -14.51
N GLY A 253 -14.75 -17.16 -13.20
CA GLY A 253 -15.58 -18.07 -12.45
C GLY A 253 -14.99 -19.46 -12.27
N ALA A 254 -13.83 -19.73 -12.88
CA ALA A 254 -13.19 -21.04 -12.73
C ALA A 254 -13.04 -21.32 -11.24
N PRO A 255 -13.22 -22.58 -10.82
CA PRO A 255 -13.10 -22.90 -9.40
C PRO A 255 -11.67 -22.96 -8.84
N ILE A 256 -11.58 -22.75 -7.53
CA ILE A 256 -10.32 -22.72 -6.81
C ILE A 256 -10.26 -23.77 -5.69
N SER A 257 -9.06 -24.23 -5.38
CA SER A 257 -8.90 -25.21 -4.30
C SER A 257 -8.20 -24.54 -3.12
N GLY A 258 -7.51 -23.44 -3.39
CA GLY A 258 -6.80 -22.72 -2.35
C GLY A 258 -5.82 -21.74 -2.98
N PRO A 259 -4.92 -21.12 -2.19
CA PRO A 259 -3.96 -20.17 -2.76
C PRO A 259 -2.90 -20.88 -3.60
N GLY A 260 -2.20 -20.12 -4.44
CA GLY A 260 -1.16 -20.68 -5.28
C GLY A 260 0.03 -21.07 -4.42
N ILE A 261 0.88 -21.94 -4.94
CA ILE A 261 2.07 -22.37 -4.19
C ILE A 261 2.97 -21.15 -3.96
N PRO A 262 3.71 -21.15 -2.84
CA PRO A 262 4.60 -20.04 -2.50
C PRO A 262 5.68 -19.75 -3.53
N GLY A 263 6.18 -18.53 -3.51
CA GLY A 263 7.25 -18.13 -4.41
C GLY A 263 8.57 -18.46 -3.76
N ARG A 264 9.59 -18.71 -4.56
CA ARG A 264 10.90 -19.07 -4.06
C ARG A 264 11.60 -18.07 -3.13
N PHE A 265 11.38 -16.78 -3.34
CA PHE A 265 12.03 -15.77 -2.51
C PHE A 265 11.08 -15.15 -1.50
N THR A 266 9.82 -15.11 -1.87
CA THR A 266 8.79 -14.51 -1.04
C THR A 266 8.20 -15.49 -0.02
N LYS A 267 8.24 -16.78 -0.37
CA LYS A 267 7.76 -17.85 0.50
C LYS A 267 6.46 -17.58 1.26
N GLU A 268 5.39 -17.25 0.54
CA GLU A 268 4.11 -16.97 1.18
C GLU A 268 2.97 -17.40 0.26
N LYS A 269 2.21 -18.41 0.67
CA LYS A 269 1.10 -18.90 -0.15
C LYS A 269 0.19 -17.75 -0.56
N GLY A 270 -0.26 -17.79 -1.82
CA GLY A 270 -1.16 -16.75 -2.30
C GLY A 270 -0.56 -15.46 -2.81
N ILE A 271 0.73 -15.23 -2.57
CA ILE A 271 1.39 -14.00 -3.02
C ILE A 271 2.67 -14.27 -3.84
N LEU A 272 2.97 -13.36 -4.76
CA LEU A 272 4.16 -13.44 -5.59
C LEU A 272 4.68 -12.03 -5.82
N ALA A 273 6.00 -11.87 -5.81
CA ALA A 273 6.57 -10.55 -6.06
C ALA A 273 6.54 -10.37 -7.57
N TYR A 274 6.62 -9.13 -8.02
CA TYR A 274 6.60 -8.93 -9.47
C TYR A 274 7.82 -9.60 -10.11
N TYR A 275 8.98 -9.54 -9.47
CA TYR A 275 10.15 -10.17 -10.05
C TYR A 275 9.97 -11.68 -10.11
N GLU A 276 9.11 -12.23 -9.26
CA GLU A 276 8.85 -13.67 -9.29
C GLU A 276 7.88 -13.98 -10.42
N ILE A 277 7.03 -13.00 -10.74
CA ILE A 277 6.07 -13.16 -11.82
C ILE A 277 6.79 -13.09 -13.16
N CYS A 278 7.85 -12.28 -13.22
CA CYS A 278 8.61 -12.17 -14.44
C CYS A 278 9.18 -13.55 -14.79
N ASP A 279 9.62 -14.27 -13.77
CA ASP A 279 10.18 -15.60 -13.97
C ASP A 279 9.05 -16.58 -14.28
N PHE A 280 7.97 -16.49 -13.51
CA PHE A 280 6.80 -17.35 -13.71
C PHE A 280 6.25 -17.31 -15.14
N LEU A 281 6.29 -16.12 -15.76
CA LEU A 281 5.76 -15.94 -17.10
C LEU A 281 6.33 -16.85 -18.18
N HIS A 282 7.60 -17.25 -18.03
CA HIS A 282 8.20 -18.14 -19.01
C HIS A 282 7.46 -19.46 -19.02
N GLY A 283 6.82 -19.76 -20.15
CA GLY A 283 6.07 -21.00 -20.28
C GLY A 283 4.64 -20.83 -19.81
N ALA A 284 4.24 -19.60 -19.53
CA ALA A 284 2.88 -19.34 -19.08
C ALA A 284 2.05 -18.72 -20.18
N THR A 285 0.74 -18.83 -20.04
CA THR A 285 -0.18 -18.26 -21.01
C THR A 285 -0.69 -16.96 -20.40
N THR A 286 -0.49 -15.86 -21.10
CA THR A 286 -0.94 -14.57 -20.60
C THR A 286 -2.27 -14.16 -21.22
N HIS A 287 -3.16 -13.65 -20.37
CA HIS A 287 -4.47 -13.19 -20.81
C HIS A 287 -4.66 -11.82 -20.19
N ARG A 288 -5.72 -11.13 -20.61
CA ARG A 288 -6.00 -9.82 -20.08
C ARG A 288 -7.50 -9.54 -20.09
N PHE A 289 -8.04 -9.16 -18.94
CA PHE A 289 -9.45 -8.81 -18.85
C PHE A 289 -9.54 -7.47 -19.57
N ARG A 290 -10.36 -7.39 -20.60
CA ARG A 290 -10.45 -6.15 -21.33
C ARG A 290 -11.29 -5.06 -20.65
N ASP A 291 -12.41 -5.42 -20.04
CA ASP A 291 -13.22 -4.40 -19.36
C ASP A 291 -12.49 -3.90 -18.12
N GLN A 292 -11.88 -4.83 -17.39
CA GLN A 292 -11.15 -4.50 -16.17
C GLN A 292 -9.75 -3.94 -16.45
N GLN A 293 -9.18 -4.28 -17.60
CA GLN A 293 -7.88 -3.79 -18.02
C GLN A 293 -6.70 -4.20 -17.15
N VAL A 294 -6.69 -5.46 -16.73
CA VAL A 294 -5.63 -6.01 -15.91
C VAL A 294 -5.28 -7.41 -16.42
N PRO A 295 -4.01 -7.81 -16.34
CA PRO A 295 -3.66 -9.14 -16.83
C PRO A 295 -3.67 -10.28 -15.82
N TYR A 296 -3.59 -11.50 -16.33
CA TYR A 296 -3.50 -12.70 -15.50
C TYR A 296 -2.75 -13.77 -16.29
N ALA A 297 -2.15 -14.72 -15.60
CA ALA A 297 -1.41 -15.75 -16.29
C ALA A 297 -1.73 -17.13 -15.75
N THR A 298 -1.32 -18.17 -16.46
CA THR A 298 -1.59 -19.53 -16.02
C THR A 298 -0.51 -20.48 -16.50
N LYS A 299 -0.15 -21.41 -15.63
CA LYS A 299 0.87 -22.41 -15.92
C LYS A 299 0.42 -23.61 -15.10
N GLY A 300 0.29 -24.77 -15.74
CA GLY A 300 -0.15 -25.95 -15.02
C GLY A 300 -1.45 -25.63 -14.29
N ASN A 301 -1.49 -25.91 -13.00
CA ASN A 301 -2.68 -25.64 -12.19
C ASN A 301 -2.53 -24.34 -11.39
N GLN A 302 -1.65 -23.46 -11.84
CA GLN A 302 -1.42 -22.20 -11.15
C GLN A 302 -2.00 -21.02 -11.93
N TRP A 303 -2.77 -20.19 -11.24
CA TRP A 303 -3.40 -19.02 -11.86
C TRP A 303 -2.96 -17.75 -11.12
N VAL A 304 -2.46 -16.76 -11.87
CA VAL A 304 -1.99 -15.54 -11.24
C VAL A 304 -2.57 -14.23 -11.77
N ALA A 305 -3.14 -13.44 -10.87
CA ALA A 305 -3.72 -12.13 -11.19
C ALA A 305 -2.66 -11.11 -10.82
N TYR A 306 -2.18 -10.33 -11.78
CA TYR A 306 -1.15 -9.34 -11.47
C TYR A 306 -1.26 -8.05 -12.25
N ASP A 307 -0.20 -7.24 -12.16
CA ASP A 307 -0.12 -5.96 -12.84
C ASP A 307 1.20 -5.85 -13.60
N ASP A 308 1.14 -5.42 -14.85
CA ASP A 308 2.35 -5.23 -15.60
C ASP A 308 2.51 -3.75 -15.88
N GLN A 309 3.53 -3.38 -16.64
CA GLN A 309 3.79 -1.98 -16.93
C GLN A 309 2.64 -1.23 -17.59
N GLU A 310 1.92 -1.90 -18.49
CA GLU A 310 0.84 -1.21 -19.16
C GLU A 310 -0.44 -1.04 -18.34
N SER A 311 -0.72 -1.95 -17.41
CA SER A 311 -1.92 -1.79 -16.60
C SER A 311 -1.60 -0.75 -15.55
N VAL A 312 -0.34 -0.72 -15.16
CA VAL A 312 0.12 0.23 -14.17
C VAL A 312 0.14 1.65 -14.77
N LYS A 313 0.47 1.75 -16.06
CA LYS A 313 0.50 3.07 -16.71
C LYS A 313 -0.93 3.52 -16.88
N ASN A 314 -1.79 2.56 -17.14
CA ASN A 314 -3.21 2.79 -17.35
C ASN A 314 -3.82 3.40 -16.10
N LYS A 315 -3.56 2.78 -14.96
CA LYS A 315 -4.03 3.25 -13.67
C LYS A 315 -3.53 4.66 -13.38
N ALA A 316 -2.26 4.91 -13.73
CA ALA A 316 -1.67 6.23 -13.51
C ALA A 316 -2.34 7.32 -14.38
N ARG A 317 -2.79 6.95 -15.57
CA ARG A 317 -3.47 7.90 -16.44
C ARG A 317 -4.84 8.20 -15.86
N TYR A 318 -5.50 7.14 -15.39
CA TYR A 318 -6.82 7.23 -14.81
C TYR A 318 -6.79 8.25 -13.66
N LEU A 319 -5.85 8.03 -12.76
CA LEU A 319 -5.63 8.86 -11.59
C LEU A 319 -5.41 10.34 -11.96
N LYS A 320 -4.68 10.60 -13.05
CA LYS A 320 -4.43 11.97 -13.49
C LYS A 320 -5.69 12.60 -14.09
N ASN A 321 -6.42 11.80 -14.87
CA ASN A 321 -7.65 12.28 -15.49
C ASN A 321 -8.71 12.65 -14.45
N ARG A 322 -8.65 12.01 -13.29
CA ARG A 322 -9.59 12.32 -12.23
C ARG A 322 -8.98 13.33 -11.27
N GLN A 323 -7.76 13.75 -11.60
CA GLN A 323 -7.03 14.75 -10.82
C GLN A 323 -6.76 14.45 -9.36
N LEU A 324 -6.31 13.23 -9.06
CA LEU A 324 -6.00 12.87 -7.68
C LEU A 324 -4.62 13.45 -7.36
N ALA A 325 -4.21 13.36 -6.10
CA ALA A 325 -2.93 13.89 -5.69
C ALA A 325 -1.72 13.11 -6.21
N GLY A 326 -1.90 11.82 -6.49
CA GLY A 326 -0.78 11.03 -6.99
C GLY A 326 -1.03 9.55 -6.87
N ALA A 327 0.04 8.76 -6.79
CA ALA A 327 -0.10 7.31 -6.67
C ALA A 327 0.71 6.79 -5.50
N MET A 328 0.29 5.63 -4.99
CA MET A 328 0.92 4.94 -3.89
C MET A 328 1.30 3.55 -4.40
N VAL A 329 2.51 3.12 -4.10
CA VAL A 329 2.99 1.81 -4.52
C VAL A 329 3.30 0.88 -3.36
N TRP A 330 2.72 -0.32 -3.38
CA TRP A 330 3.00 -1.31 -2.37
C TRP A 330 3.50 -2.51 -3.16
N ALA A 331 4.79 -2.84 -3.07
CA ALA A 331 5.79 -2.15 -2.27
C ALA A 331 7.11 -2.24 -3.03
N LEU A 332 8.00 -1.28 -2.81
CA LEU A 332 9.29 -1.24 -3.49
C LEU A 332 10.06 -2.56 -3.53
N ASP A 333 10.09 -3.28 -2.42
CA ASP A 333 10.82 -4.54 -2.34
C ASP A 333 10.15 -5.72 -3.07
N LEU A 334 9.03 -5.47 -3.72
CA LEU A 334 8.32 -6.52 -4.46
C LEU A 334 8.45 -6.26 -5.95
N ASP A 335 8.88 -5.04 -6.27
CA ASP A 335 9.10 -4.62 -7.65
C ASP A 335 10.45 -5.24 -8.01
N ASP A 336 10.86 -5.22 -9.27
CA ASP A 336 12.17 -5.80 -9.61
C ASP A 336 13.26 -4.76 -9.29
N PHE A 337 13.46 -4.51 -8.00
CA PHE A 337 14.44 -3.52 -7.57
C PHE A 337 15.85 -3.75 -8.07
N ARG A 338 16.29 -5.01 -8.19
CA ARG A 338 17.63 -5.28 -8.70
C ARG A 338 17.63 -5.11 -10.22
N GLY A 339 16.45 -5.27 -10.81
CA GLY A 339 16.32 -5.11 -12.25
C GLY A 339 16.92 -6.25 -13.06
N THR A 340 17.17 -7.37 -12.40
CA THR A 340 17.77 -8.52 -13.06
C THR A 340 16.83 -9.69 -13.31
N PHE A 341 15.53 -9.51 -13.07
CA PHE A 341 14.58 -10.61 -13.27
C PHE A 341 13.61 -10.41 -14.43
N CYS A 342 13.26 -9.17 -14.72
CA CYS A 342 12.27 -8.89 -15.75
C CYS A 342 12.73 -8.52 -17.16
N GLY A 343 13.75 -9.19 -17.67
CA GLY A 343 14.20 -8.85 -19.00
C GLY A 343 14.83 -7.47 -18.92
N GLN A 344 14.31 -6.51 -19.68
CA GLN A 344 14.84 -5.14 -19.68
C GLN A 344 15.63 -4.79 -18.43
N ASN A 345 16.88 -4.39 -18.64
CA ASN A 345 17.79 -4.04 -17.54
C ASN A 345 17.42 -2.76 -16.82
N LEU A 346 16.14 -2.59 -16.54
CA LEU A 346 15.63 -1.42 -15.85
C LEU A 346 15.40 -1.76 -14.37
N THR A 347 15.82 -0.87 -13.50
CA THR A 347 15.65 -1.04 -12.06
C THR A 347 14.21 -0.53 -11.70
N PHE A 348 13.45 -1.30 -10.93
CA PHE A 348 12.07 -0.93 -10.56
C PHE A 348 11.19 -0.68 -11.81
N PRO A 349 10.96 -1.72 -12.62
CA PRO A 349 10.13 -1.56 -13.82
C PRO A 349 8.76 -0.92 -13.56
N LEU A 350 7.99 -1.54 -12.69
CA LEU A 350 6.65 -1.06 -12.35
C LEU A 350 6.58 0.34 -11.76
N THR A 351 7.40 0.63 -10.76
CA THR A 351 7.37 1.95 -10.16
C THR A 351 7.81 3.04 -11.14
N SER A 352 8.74 2.72 -12.03
CA SER A 352 9.22 3.68 -13.03
C SER A 352 8.12 4.00 -14.05
N ALA A 353 7.40 2.96 -14.46
CA ALA A 353 6.32 3.15 -15.40
C ALA A 353 5.32 4.15 -14.80
N VAL A 354 4.99 3.98 -13.52
CA VAL A 354 4.05 4.91 -12.88
C VAL A 354 4.61 6.33 -12.87
N LYS A 355 5.90 6.47 -12.57
CA LYS A 355 6.52 7.79 -12.52
C LYS A 355 6.57 8.47 -13.88
N ASP A 356 6.78 7.68 -14.94
CA ASP A 356 6.85 8.23 -16.28
C ASP A 356 5.54 8.89 -16.66
N VAL A 357 4.44 8.20 -16.43
CA VAL A 357 3.13 8.74 -16.74
C VAL A 357 2.84 10.00 -15.93
N LEU A 358 3.21 9.97 -14.64
CA LEU A 358 2.97 11.11 -13.77
C LEU A 358 3.77 12.35 -14.17
N ALA A 359 4.94 12.14 -14.75
CA ALA A 359 5.81 13.25 -15.17
C ALA A 359 5.34 13.90 -16.47
N ARG A 360 4.52 13.18 -17.25
CA ARG A 360 4.00 13.70 -18.52
C ARG A 360 3.11 14.94 -18.33
N VAL A 361 2.53 15.07 -17.13
CA VAL A 361 1.62 16.18 -16.77
C VAL A 361 0.16 15.75 -16.93
C1 NAG B . 4.77 -4.96 20.30
C2 NAG B . 5.62 -6.23 20.51
C3 NAG B . 5.04 -7.21 21.55
C4 NAG B . 4.50 -6.51 22.79
C5 NAG B . 3.66 -5.34 22.34
C6 NAG B . 2.94 -4.58 23.44
C7 NAG B . 6.98 -7.04 18.76
C8 NAG B . 7.22 -8.01 17.63
N2 NAG B . 5.77 -6.94 19.27
O3 NAG B . 6.05 -8.14 21.93
O4 NAG B . 3.63 -7.43 23.47
O5 NAG B . 4.45 -4.41 21.58
O6 NAG B . 3.85 -4.09 24.40
O7 NAG B . 7.90 -6.37 19.20
C1 NDG B . 4.12 -8.59 24.07
C2 NDG B . 2.89 -9.35 24.57
C3 NDG B . 3.11 -10.19 25.83
C4 NDG B . 4.60 -10.51 26.00
C5 NDG B . 5.50 -9.26 26.00
C6 NDG B . 6.82 -9.65 25.37
C7 NDG B . 0.79 -8.33 23.89
C8 NDG B . 0.93 -9.05 22.54
O5 NDG B . 4.93 -8.17 25.20
O3 NDG B . 2.41 -11.40 25.63
O4 NDG B . 4.89 -11.42 27.12
O6 NDG B . 6.64 -10.67 24.40
O7 NDG B . -0.23 -7.68 24.12
N2 NDG B . 1.79 -8.42 24.77
C1 BMA B . 4.53 -11.35 28.49
C2 BMA B . 4.18 -12.78 29.05
C3 BMA B . 4.17 -12.87 30.59
C4 BMA B . 5.48 -12.33 31.12
C5 BMA B . 5.76 -10.89 30.64
C6 BMA B . 7.23 -10.61 30.92
O2 BMA B . 5.06 -13.78 28.57
O3 BMA B . 4.06 -14.25 30.96
O4 BMA B . 5.43 -12.38 32.55
O5 BMA B . 5.61 -10.70 29.19
O6 BMA B . 7.40 -9.46 31.73
C1 NAG C . 0.86 -8.02 4.33
C2 NAG C . 2.02 -8.60 3.55
C3 NAG C . 2.58 -9.73 4.40
C4 NAG C . 2.99 -9.19 5.80
C5 NAG C . 1.93 -8.30 6.45
C6 NAG C . 2.62 -7.46 7.52
C7 NAG C . 2.05 -8.38 1.15
C8 NAG C . 1.47 -8.75 -0.21
N2 NAG C . 1.60 -9.02 2.23
O1 NAG C . 0.22 -7.06 3.55
O3 NAG C . 3.72 -10.27 3.76
O4 NAG C . 3.30 -10.27 6.69
O5 NAG C . 1.38 -7.38 5.50
O6 NAG C . 1.76 -7.18 8.62
O7 NAG C . 2.92 -7.50 1.22
C1 NAG C . 4.65 -10.46 6.91
C2 NAG C . 5.04 -10.12 8.34
C3 NAG C . 6.54 -10.33 8.50
C4 NAG C . 6.97 -11.74 8.02
C5 NAG C . 6.33 -12.09 6.66
C6 NAG C . 6.46 -13.56 6.32
C7 NAG C . 4.75 -8.36 9.94
C8 NAG C . 4.92 -6.86 10.20
N2 NAG C . 4.69 -8.76 8.68
O3 NAG C . 6.91 -10.15 9.87
O4 NAG C . 8.40 -11.77 7.88
O5 NAG C . 4.92 -11.82 6.66
O6 NAG C . 5.18 -14.15 6.12
O7 NAG C . 4.67 -9.14 10.89
C1 NAG C . 9.06 -12.46 8.88
C2 NAG C . 10.25 -13.26 8.28
C3 NAG C . 11.22 -13.77 9.39
C4 NAG C . 11.47 -12.72 10.50
C5 NAG C . 10.12 -12.20 10.97
C6 NAG C . 10.12 -11.27 12.17
C7 NAG C . 9.85 -14.67 6.32
C8 NAG C . 8.63 -15.04 5.49
N2 NAG C . 9.67 -14.43 7.61
O3 NAG C . 12.46 -14.17 8.83
O4 NAG C . 12.18 -13.32 11.58
O5 NAG C . 9.49 -11.53 9.87
O6 NAG C . 10.53 -9.96 11.81
O7 NAG C . 10.96 -14.66 5.78
#